data_9H17
#
_entry.id   9H17
#
_cell.length_a   122.302
_cell.length_b   122.302
_cell.length_c   160.175
_cell.angle_alpha   90.000
_cell.angle_beta   90.000
_cell.angle_gamma   120.000
#
_symmetry.space_group_name_H-M   'P 65 2 2'
#
loop_
_entity.id
_entity.type
_entity.pdbx_description
1 polymer Beta-lactamase
2 non-polymer GLYCEROL
3 non-polymer 1,2-ETHANEDIOL
4 non-polymer (2S,5R)-1-formyl-5-[(sulfooxy)amino]piperidine-2-carboxamide
5 non-polymer (2S,5R)-1-methanoyl-5-(oxidanylamino)piperidine-2-carboxamide
6 non-polymer 'CHLORIDE ION'
7 non-polymer 'TRIETHYLENE GLYCOL'
8 non-polymer DI(HYDROXYETHYL)ETHER
9 water water
#
_entity_poly.entity_id   1
_entity_poly.type   'polypeptide(L)'
_entity_poly.pdbx_seq_one_letter_code
;GPKEWQENKSWNAHFTEHKSQGVVVLWNENKQQGFTNNLKRANQAFLPASTF(KCX)IPNSLIALDLGVVKDEHQVFKWD
GQTRDIATWNRDHNLITAMKYSVVPVYQEFARQIGEARMSKMLHAFDYGNEDISGNVDSFWLDGGIRISATEQISFLRKL
YHNKLHVSERSQRIVKQAMLTEANGDYIIRAKTGYSPKIGWWVGWVELDDNVWFFAMNMDMPTSDGLGLRQAITKEVLKQ
EKIIP
;
_entity_poly.pdbx_strand_id   A,B
#
# COMPACT_ATOMS: atom_id res chain seq x y z
N GLY A 1 19.09 -33.38 7.59
CA GLY A 1 18.19 -32.60 6.75
C GLY A 1 18.30 -31.11 6.96
N PRO A 2 17.53 -30.33 6.20
CA PRO A 2 17.69 -28.87 6.23
C PRO A 2 17.27 -28.25 7.55
N LYS A 3 17.87 -27.10 7.84
CA LYS A 3 17.67 -26.39 9.09
C LYS A 3 16.71 -25.23 8.92
N GLU A 4 16.01 -24.89 10.00
CA GLU A 4 15.15 -23.71 10.01
C GLU A 4 15.96 -22.45 9.72
N TRP A 5 17.18 -22.38 10.24
CA TRP A 5 18.05 -21.21 10.08
C TRP A 5 19.40 -21.63 9.53
N GLN A 6 19.85 -20.94 8.47
CA GLN A 6 21.17 -21.14 7.89
C GLN A 6 21.97 -19.85 7.99
N GLU A 7 23.27 -19.96 8.22
CA GLU A 7 24.14 -18.79 8.23
C GLU A 7 24.76 -18.58 6.85
N ASN A 8 24.72 -17.34 6.38
CA ASN A 8 25.41 -16.93 5.15
C ASN A 8 26.34 -15.78 5.53
N LYS A 9 27.59 -16.11 5.83
CA LYS A 9 28.53 -15.09 6.26
C LYS A 9 29.07 -14.24 5.12
N SER A 10 28.75 -14.57 3.87
CA SER A 10 29.20 -13.72 2.76
C SER A 10 28.55 -12.34 2.84
N TRP A 11 27.40 -12.24 3.51
CA TRP A 11 26.77 -10.93 3.67
C TRP A 11 27.60 -10.00 4.52
N ASN A 12 28.53 -10.53 5.31
CA ASN A 12 29.41 -9.67 6.11
C ASN A 12 30.14 -8.66 5.25
N ALA A 13 30.43 -9.01 3.99
CA ALA A 13 31.12 -8.08 3.10
C ALA A 13 30.33 -6.79 2.91
N HIS A 14 28.99 -6.85 3.01
CA HIS A 14 28.20 -5.63 2.85
C HIS A 14 28.33 -4.72 4.07
N PHE A 15 28.54 -5.29 5.26
CA PHE A 15 28.87 -4.49 6.42
C PHE A 15 30.32 -4.00 6.37
N THR A 16 31.26 -4.90 6.05
CA THR A 16 32.67 -4.54 5.99
C THR A 16 32.92 -3.42 5.00
N GLU A 17 32.23 -3.46 3.86
CA GLU A 17 32.42 -2.44 2.83
C GLU A 17 32.11 -1.04 3.38
N HIS A 18 31.23 -0.95 4.37
CA HIS A 18 30.90 0.33 5.00
C HIS A 18 31.52 0.47 6.39
N LYS A 19 32.55 -0.32 6.69
CA LYS A 19 33.26 -0.25 7.97
C LYS A 19 32.28 -0.31 9.15
N SER A 20 31.28 -1.16 9.04
CA SER A 20 30.24 -1.27 10.04
C SER A 20 30.05 -2.75 10.42
N GLN A 21 29.24 -2.97 11.45
CA GLN A 21 28.96 -4.31 11.96
C GLN A 21 27.48 -4.42 12.27
N GLY A 22 26.91 -5.59 12.00
CA GLY A 22 25.51 -5.79 12.28
C GLY A 22 25.04 -7.14 11.78
N VAL A 23 23.72 -7.28 11.72
CA VAL A 23 23.10 -8.53 11.31
C VAL A 23 21.94 -8.21 10.37
N VAL A 24 21.80 -9.03 9.33
CA VAL A 24 20.59 -9.07 8.51
C VAL A 24 19.99 -10.45 8.68
N VAL A 25 18.69 -10.49 8.92
CA VAL A 25 17.94 -11.74 9.05
C VAL A 25 16.86 -11.73 7.99
N LEU A 26 16.78 -12.79 7.19
CA LEU A 26 15.73 -12.95 6.19
C LEU A 26 14.91 -14.20 6.50
N TRP A 27 13.62 -14.14 6.18
CA TRP A 27 12.75 -15.32 6.30
C TRP A 27 12.00 -15.49 5.00
N ASN A 28 12.19 -16.65 4.35
CA ASN A 28 11.51 -16.99 3.11
C ASN A 28 10.19 -17.67 3.49
N GLU A 29 9.07 -16.98 3.27
CA GLU A 29 7.81 -17.51 3.77
C GLU A 29 7.38 -18.78 3.04
N ASN A 30 7.54 -18.82 1.72
CA ASN A 30 7.19 -20.02 0.96
C ASN A 30 7.96 -21.24 1.46
N LYS A 31 9.27 -21.08 1.65
CA LYS A 31 10.14 -22.19 2.02
C LYS A 31 10.19 -22.45 3.51
N GLN A 32 9.62 -21.56 4.32
CA GLN A 32 9.64 -21.69 5.79
C GLN A 32 11.05 -21.89 6.32
N GLN A 33 11.95 -21.01 5.88
CA GLN A 33 13.35 -21.12 6.21
C GLN A 33 13.93 -19.73 6.34
N GLY A 34 14.87 -19.58 7.28
CA GLY A 34 15.51 -18.30 7.49
C GLY A 34 17.00 -18.30 7.24
N PHE A 35 17.57 -17.11 7.03
CA PHE A 35 18.96 -16.94 6.65
C PHE A 35 19.50 -15.71 7.34
N THR A 36 20.75 -15.78 7.80
CA THR A 36 21.35 -14.65 8.49
C THR A 36 22.86 -14.74 8.41
N ASN A 37 23.53 -13.58 8.49
CA ASN A 37 24.98 -13.60 8.56
C ASN A 37 25.51 -13.87 9.96
N ASN A 38 24.67 -13.80 10.99
CA ASN A 38 25.17 -13.90 12.37
C ASN A 38 23.99 -14.38 13.23
N LEU A 39 23.91 -15.70 13.41
CA LEU A 39 22.76 -16.25 14.14
C LEU A 39 22.75 -15.79 15.60
N LYS A 40 23.93 -15.59 16.19
CA LYS A 40 23.97 -15.10 17.58
C LYS A 40 23.38 -13.71 17.69
N ARG A 41 23.88 -12.77 16.87
CA ARG A 41 23.36 -11.41 16.92
C ARG A 41 21.90 -11.36 16.48
N ALA A 42 21.49 -12.27 15.60
CA ALA A 42 20.09 -12.34 15.18
C ALA A 42 19.17 -12.55 16.38
N ASN A 43 19.67 -13.19 17.43
CA ASN A 43 18.90 -13.46 18.63
C ASN A 43 19.23 -12.52 19.77
N GLN A 44 20.07 -11.51 19.55
CA GLN A 44 20.40 -10.55 20.60
C GLN A 44 19.31 -9.49 20.69
N ALA A 45 18.82 -9.23 21.89
CA ALA A 45 17.68 -8.35 22.07
C ALA A 45 18.14 -6.93 22.38
N PHE A 46 17.61 -5.95 21.65
CA PHE A 46 17.97 -4.54 21.77
C PHE A 46 16.71 -3.71 21.99
N LEU A 47 16.90 -2.47 22.44
CA LEU A 47 15.78 -1.53 22.47
C LEU A 47 15.18 -1.43 21.06
N PRO A 48 13.85 -1.48 20.93
CA PRO A 48 13.24 -1.40 19.59
C PRO A 48 13.30 -0.01 18.97
N ALA A 49 13.44 1.03 19.79
CA ALA A 49 13.40 2.40 19.29
C ALA A 49 12.17 2.60 18.43
N SER A 50 12.32 3.30 17.30
CA SER A 50 11.16 3.68 16.50
C SER A 50 10.47 2.50 15.82
N THR A 51 11.09 1.31 15.80
CA THR A 51 10.33 0.15 15.32
C THR A 51 9.17 -0.19 16.23
N PHE A 52 9.18 0.34 17.46
CA PHE A 52 8.03 0.16 18.34
C PHE A 52 6.79 0.86 17.81
N LYS A 53 6.94 1.75 16.83
CA LYS A 53 5.77 2.40 16.24
C LYS A 53 4.83 1.40 15.59
N ILE A 54 5.30 0.21 15.25
CA ILE A 54 4.41 -0.81 14.69
C ILE A 54 3.45 -1.31 15.77
N PRO A 55 3.91 -1.93 16.87
CA PRO A 55 2.94 -2.37 17.88
C PRO A 55 2.17 -1.22 18.52
N ASN A 56 2.83 -0.07 18.71
CA ASN A 56 2.14 1.08 19.32
C ASN A 56 0.95 1.50 18.45
N SER A 57 1.15 1.56 17.13
CA SER A 57 0.06 1.88 16.21
C SER A 57 -1.09 0.87 16.34
N LEU A 58 -0.75 -0.42 16.36
CA LEU A 58 -1.78 -1.45 16.44
C LEU A 58 -2.62 -1.31 17.69
N ILE A 59 -1.96 -1.05 18.83
CA ILE A 59 -2.68 -0.95 20.09
C ILE A 59 -3.53 0.30 20.10
N ALA A 60 -2.98 1.41 19.62
CA ALA A 60 -3.74 2.66 19.61
C ALA A 60 -4.99 2.53 18.76
N LEU A 61 -4.87 1.91 17.58
CA LEU A 61 -6.04 1.68 16.73
C LEU A 61 -7.06 0.76 17.39
N ASP A 62 -6.59 -0.36 17.95
CA ASP A 62 -7.54 -1.35 18.45
C ASP A 62 -8.32 -0.83 19.66
N LEU A 63 -7.70 0.04 20.45
CA LEU A 63 -8.37 0.65 21.59
C LEU A 63 -9.17 1.89 21.23
N GLY A 64 -9.08 2.35 19.98
CA GLY A 64 -9.77 3.57 19.60
C GLY A 64 -9.08 4.85 20.03
N VAL A 65 -7.85 4.77 20.54
CA VAL A 65 -7.07 5.98 20.77
C VAL A 65 -6.85 6.71 19.46
N VAL A 66 -6.56 5.96 18.40
CA VAL A 66 -6.51 6.46 17.03
C VAL A 66 -7.74 5.91 16.32
N LYS A 67 -8.59 6.80 15.83
CA LYS A 67 -9.84 6.34 15.23
C LYS A 67 -9.63 5.72 13.86
N ASP A 68 -8.78 6.34 13.04
CA ASP A 68 -8.46 5.84 11.72
C ASP A 68 -7.17 6.51 11.28
N GLU A 69 -6.71 6.16 10.07
CA GLU A 69 -5.43 6.65 9.59
C GLU A 69 -5.45 8.11 9.17
N HIS A 70 -6.63 8.75 9.18
CA HIS A 70 -6.78 10.15 8.77
C HIS A 70 -6.88 11.10 9.94
N GLN A 71 -7.16 10.61 11.15
CA GLN A 71 -7.36 11.50 12.28
C GLN A 71 -6.11 12.32 12.53
N VAL A 72 -6.27 13.62 12.72
CA VAL A 72 -5.14 14.53 12.84
C VAL A 72 -4.78 14.69 14.30
N PHE A 73 -3.50 14.56 14.60
CA PHE A 73 -2.96 14.88 15.92
C PHE A 73 -2.15 16.16 15.76
N LYS A 74 -2.68 17.26 16.31
CA LYS A 74 -2.09 18.57 16.10
C LYS A 74 -0.75 18.69 16.80
N TRP A 75 0.17 19.42 16.17
CA TRP A 75 1.44 19.76 16.80
C TRP A 75 1.18 20.47 18.12
N ASP A 76 1.96 20.11 19.14
CA ASP A 76 1.82 20.74 20.45
C ASP A 76 2.48 22.11 20.54
N GLY A 77 3.11 22.58 19.48
CA GLY A 77 3.71 23.91 19.46
C GLY A 77 5.12 23.99 19.99
N GLN A 78 5.70 22.88 20.43
CA GLN A 78 7.08 22.87 20.90
C GLN A 78 7.99 22.57 19.73
N THR A 79 8.92 23.48 19.45
CA THR A 79 9.82 23.31 18.31
C THR A 79 10.90 22.29 18.67
N ARG A 80 10.88 21.16 17.99
CA ARG A 80 11.88 20.12 18.20
C ARG A 80 12.89 20.13 17.05
N ASP A 81 13.95 19.33 17.23
CA ASP A 81 15.11 19.40 16.34
C ASP A 81 14.87 18.81 14.96
N ILE A 82 13.89 17.92 14.80
CA ILE A 82 13.55 17.35 13.51
C ILE A 82 12.38 18.15 12.95
N ALA A 83 12.63 18.89 11.86
CA ALA A 83 11.67 19.88 11.38
C ALA A 83 10.33 19.27 11.00
N THR A 84 10.34 18.04 10.45
CA THR A 84 9.08 17.43 10.06
C THR A 84 8.20 17.07 11.24
N TRP A 85 8.74 17.08 12.45
CA TRP A 85 7.91 16.83 13.62
C TRP A 85 7.11 18.06 14.05
N ASN A 86 7.48 19.24 13.58
CA ASN A 86 6.86 20.49 14.01
C ASN A 86 5.67 20.85 13.13
N ARG A 87 4.74 19.91 13.00
CA ARG A 87 3.56 20.09 12.17
C ARG A 87 2.50 19.10 12.63
N ASP A 88 1.28 19.27 12.11
CA ASP A 88 0.22 18.31 12.38
C ASP A 88 0.48 17.03 11.61
N HIS A 89 0.02 15.91 12.17
CA HIS A 89 0.24 14.60 11.56
C HIS A 89 -0.98 13.71 11.72
N ASN A 90 -1.11 12.76 10.79
CA ASN A 90 -1.99 11.61 10.97
C ASN A 90 -1.13 10.38 11.19
N LEU A 91 -1.77 9.21 11.27
CA LEU A 91 -1.01 7.98 11.55
C LEU A 91 -0.02 7.70 10.41
N ILE A 92 -0.42 7.93 9.17
CA ILE A 92 0.43 7.64 8.03
C ILE A 92 1.68 8.51 8.06
N THR A 93 1.49 9.83 8.22
CA THR A 93 2.65 10.71 8.20
C THR A 93 3.45 10.63 9.48
N ALA A 94 2.79 10.32 10.61
CA ALA A 94 3.54 10.13 11.85
C ALA A 94 4.46 8.92 11.75
N MET A 95 4.04 7.86 11.06
N MET A 95 4.01 7.85 11.09
CA MET A 95 4.96 6.75 10.88
CA MET A 95 4.89 6.71 10.81
C MET A 95 6.03 7.07 9.84
C MET A 95 6.01 7.13 9.87
N LYS A 96 5.65 7.76 8.75
CA LYS A 96 6.62 8.09 7.71
C LYS A 96 7.76 8.95 8.25
N TYR A 97 7.43 9.98 9.03
CA TYR A 97 8.43 10.90 9.57
C TYR A 97 8.85 10.51 10.97
N SER A 98 8.39 9.36 11.46
CA SER A 98 8.83 8.78 12.72
C SER A 98 8.67 9.78 13.86
N VAL A 99 7.45 10.29 14.01
CA VAL A 99 7.18 11.42 14.89
C VAL A 99 6.98 10.94 16.32
N VAL A 100 8.08 10.86 17.06
CA VAL A 100 8.04 10.39 18.46
C VAL A 100 6.98 11.08 19.31
N PRO A 101 6.86 12.42 19.31
CA PRO A 101 5.90 13.04 20.24
C PRO A 101 4.46 12.61 20.00
N VAL A 102 4.09 12.31 18.76
CA VAL A 102 2.75 11.82 18.50
C VAL A 102 2.56 10.44 19.13
N TYR A 103 3.56 9.58 18.99
CA TYR A 103 3.46 8.23 19.54
C TYR A 103 3.55 8.23 21.05
N GLN A 104 4.24 9.21 21.64
CA GLN A 104 4.20 9.35 23.09
C GLN A 104 2.80 9.71 23.58
N GLU A 105 2.10 10.58 22.83
CA GLU A 105 0.72 10.87 23.17
C GLU A 105 -0.15 9.61 23.06
N PHE A 106 0.01 8.81 21.99
CA PHE A 106 -0.73 7.55 21.88
C PHE A 106 -0.50 6.70 23.12
N ALA A 107 0.78 6.56 23.51
CA ALA A 107 1.12 5.66 24.60
C ALA A 107 0.53 6.11 25.93
N ARG A 108 0.53 7.42 26.18
CA ARG A 108 -0.09 7.90 27.41
C ARG A 108 -1.59 7.60 27.44
N GLN A 109 -2.25 7.75 26.29
CA GLN A 109 -3.69 7.47 26.24
C GLN A 109 -3.96 5.97 26.36
N ILE A 110 -3.12 5.13 25.74
CA ILE A 110 -3.21 3.69 25.98
C ILE A 110 -3.09 3.39 27.46
N GLY A 111 -2.06 3.93 28.10
CA GLY A 111 -1.82 3.74 29.52
C GLY A 111 -1.07 2.46 29.80
N GLU A 112 -0.43 2.42 30.97
CA GLU A 112 0.51 1.34 31.26
C GLU A 112 -0.19 -0.02 31.33
N ALA A 113 -1.38 -0.06 31.96
CA ALA A 113 -2.03 -1.36 32.15
C ALA A 113 -2.40 -1.98 30.82
N ARG A 114 -2.99 -1.21 29.91
CA ARG A 114 -3.34 -1.76 28.60
C ARG A 114 -2.11 -2.01 27.74
N MET A 115 -1.09 -1.17 27.86
CA MET A 115 0.12 -1.39 27.08
C MET A 115 0.77 -2.72 27.44
N SER A 116 0.95 -2.96 28.74
N SER A 116 0.93 -2.98 28.74
CA SER A 116 1.56 -4.22 29.18
CA SER A 116 1.56 -4.23 29.16
C SER A 116 0.71 -5.42 28.75
C SER A 116 0.72 -5.43 28.77
N LYS A 117 -0.61 -5.32 28.91
CA LYS A 117 -1.49 -6.44 28.55
C LYS A 117 -1.39 -6.74 27.06
N MET A 118 -1.34 -5.70 26.22
CA MET A 118 -1.30 -5.93 24.78
C MET A 118 0.05 -6.46 24.33
N LEU A 119 1.16 -5.97 24.91
CA LEU A 119 2.45 -6.53 24.51
C LEU A 119 2.59 -7.98 24.93
N HIS A 120 2.02 -8.35 26.08
CA HIS A 120 1.97 -9.77 26.43
C HIS A 120 1.17 -10.55 25.40
N ALA A 121 0.00 -10.03 25.01
CA ALA A 121 -0.82 -10.69 24.00
C ALA A 121 -0.06 -10.85 22.70
N PHE A 122 0.75 -9.85 22.34
CA PHE A 122 1.57 -9.89 21.13
C PHE A 122 2.81 -10.78 21.25
N ASP A 123 3.13 -11.27 22.46
CA ASP A 123 4.37 -12.05 22.65
C ASP A 123 5.60 -11.21 22.26
N TYR A 124 5.55 -9.90 22.53
CA TYR A 124 6.47 -8.94 21.90
C TYR A 124 7.75 -8.79 22.74
N GLY A 125 8.86 -9.31 22.21
CA GLY A 125 10.13 -9.15 22.91
C GLY A 125 10.05 -9.64 24.33
N ASN A 126 10.67 -8.89 25.25
CA ASN A 126 10.63 -9.27 26.66
C ASN A 126 9.42 -8.69 27.38
N GLU A 127 8.55 -7.98 26.68
CA GLU A 127 7.26 -7.52 27.18
C GLU A 127 7.38 -6.54 28.34
N ASP A 128 8.56 -5.96 28.57
CA ASP A 128 8.85 -5.19 29.78
C ASP A 128 8.67 -3.70 29.50
N ILE A 129 7.64 -3.10 30.07
CA ILE A 129 7.35 -1.69 29.86
C ILE A 129 7.86 -0.83 31.01
N SER A 130 8.75 -1.38 31.85
CA SER A 130 9.25 -0.65 33.02
C SER A 130 9.87 0.67 32.58
N GLY A 131 9.67 1.69 33.40
CA GLY A 131 10.02 3.04 33.06
C GLY A 131 8.77 3.87 32.95
N ASN A 132 8.70 4.71 31.94
CA ASN A 132 7.53 5.51 31.66
C ASN A 132 6.80 4.91 30.45
N VAL A 133 5.47 4.88 30.51
CA VAL A 133 4.70 4.30 29.41
C VAL A 133 4.95 5.03 28.10
N ASP A 134 5.43 6.28 28.15
CA ASP A 134 5.68 7.03 26.94
C ASP A 134 7.15 7.13 26.57
N SER A 135 8.01 6.32 27.16
CA SER A 135 9.41 6.32 26.74
C SER A 135 10.11 4.98 26.91
N PHE A 136 9.41 3.91 27.32
CA PHE A 136 10.12 2.68 27.63
C PHE A 136 10.82 2.09 26.41
N TRP A 137 10.31 2.36 25.21
CA TRP A 137 10.92 1.85 23.99
C TRP A 137 12.09 2.71 23.51
N LEU A 138 12.28 3.87 24.11
CA LEU A 138 13.37 4.79 23.85
C LEU A 138 14.50 4.66 24.88
N ASP A 139 14.13 4.53 26.15
CA ASP A 139 15.16 4.53 27.19
C ASP A 139 14.81 3.62 28.36
N GLY A 140 13.88 2.69 28.19
CA GLY A 140 13.47 1.83 29.28
C GLY A 140 13.95 0.40 29.13
N GLY A 141 13.13 -0.56 29.57
CA GLY A 141 13.60 -1.91 29.72
C GLY A 141 13.19 -2.89 28.64
N ILE A 142 12.38 -2.46 27.67
CA ILE A 142 11.92 -3.39 26.65
C ILE A 142 13.06 -3.73 25.68
N ARG A 143 13.12 -5.00 25.28
CA ARG A 143 14.18 -5.50 24.41
C ARG A 143 13.56 -6.50 23.45
N ILE A 144 14.01 -6.47 22.20
CA ILE A 144 13.51 -7.39 21.18
C ILE A 144 14.65 -7.73 20.23
N SER A 145 14.73 -8.99 19.82
CA SER A 145 15.78 -9.41 18.91
C SER A 145 15.27 -9.37 17.48
N ALA A 146 16.20 -9.49 16.53
CA ALA A 146 15.82 -9.50 15.12
C ALA A 146 14.91 -10.67 14.80
N THR A 147 15.19 -11.87 15.35
CA THR A 147 14.29 -12.98 15.07
C THR A 147 12.93 -12.78 15.74
N GLU A 148 12.89 -12.12 16.89
CA GLU A 148 11.60 -11.80 17.51
C GLU A 148 10.83 -10.78 16.66
N GLN A 149 11.54 -9.84 16.04
CA GLN A 149 10.87 -8.92 15.11
C GLN A 149 10.25 -9.68 13.95
N ILE A 150 10.99 -10.64 13.39
CA ILE A 150 10.45 -11.47 12.32
C ILE A 150 9.18 -12.18 12.77
N SER A 151 9.23 -12.84 13.93
CA SER A 151 8.06 -13.56 14.42
C SER A 151 6.86 -12.61 14.55
N PHE A 152 7.09 -11.43 15.10
CA PHE A 152 6.01 -10.46 15.26
C PHE A 152 5.47 -10.01 13.91
N LEU A 153 6.36 -9.70 12.97
CA LEU A 153 5.94 -9.26 11.64
C LEU A 153 5.17 -10.34 10.90
N ARG A 154 5.61 -11.60 11.04
CA ARG A 154 4.87 -12.69 10.39
C ARG A 154 3.44 -12.79 10.91
N LYS A 155 3.26 -12.64 12.23
CA LYS A 155 1.90 -12.60 12.77
C LYS A 155 1.10 -11.45 12.17
N LEU A 156 1.71 -10.25 12.11
CA LEU A 156 1.02 -9.10 11.53
C LEU A 156 0.64 -9.36 10.09
N TYR A 157 1.58 -9.87 9.29
CA TYR A 157 1.30 -10.17 7.89
C TYR A 157 0.09 -11.10 7.74
N HIS A 158 -0.03 -12.10 8.62
CA HIS A 158 -1.10 -13.08 8.54
C HIS A 158 -2.35 -12.70 9.34
N ASN A 159 -2.40 -11.48 9.87
CA ASN A 159 -3.54 -11.00 10.66
C ASN A 159 -3.76 -11.88 11.89
N LYS A 160 -2.68 -12.40 12.45
CA LYS A 160 -2.77 -13.35 13.56
C LYS A 160 -2.50 -12.71 14.93
N LEU A 161 -2.20 -11.41 14.98
CA LEU A 161 -2.03 -10.76 16.28
C LEU A 161 -3.39 -10.60 16.95
N HIS A 162 -3.37 -10.51 18.29
CA HIS A 162 -4.60 -10.44 19.08
C HIS A 162 -5.15 -9.01 19.10
N VAL A 163 -5.38 -8.48 17.91
CA VAL A 163 -6.11 -7.22 17.69
C VAL A 163 -6.97 -7.44 16.45
N SER A 164 -7.84 -6.48 16.16
CA SER A 164 -8.74 -6.67 15.05
C SER A 164 -7.98 -6.77 13.73
N GLU A 165 -8.59 -7.47 12.77
CA GLU A 165 -8.05 -7.48 11.42
C GLU A 165 -7.89 -6.06 10.88
N ARG A 166 -8.88 -5.20 11.16
CA ARG A 166 -8.83 -3.82 10.67
C ARG A 166 -7.59 -3.10 11.19
N SER A 167 -7.30 -3.20 12.49
CA SER A 167 -6.12 -2.53 13.01
C SER A 167 -4.86 -3.03 12.29
N GLN A 168 -4.80 -4.34 12.04
CA GLN A 168 -3.63 -4.89 11.37
C GLN A 168 -3.51 -4.40 9.92
N ARG A 169 -4.65 -4.33 9.21
CA ARG A 169 -4.61 -3.80 7.85
C ARG A 169 -4.16 -2.35 7.81
N ILE A 170 -4.65 -1.53 8.73
CA ILE A 170 -4.28 -0.10 8.73
C ILE A 170 -2.79 0.06 8.99
N VAL A 171 -2.24 -0.68 9.95
CA VAL A 171 -0.82 -0.54 10.24
C VAL A 171 0.04 -1.02 9.06
N LYS A 172 -0.36 -2.12 8.41
CA LYS A 172 0.38 -2.56 7.23
C LYS A 172 0.34 -1.52 6.12
N GLN A 173 -0.80 -0.82 5.97
CA GLN A 173 -0.85 0.31 5.04
C GLN A 173 0.14 1.40 5.45
N ALA A 174 0.16 1.74 6.75
CA ALA A 174 1.04 2.80 7.23
C ALA A 174 2.51 2.44 7.10
N MET A 175 2.84 1.15 7.07
CA MET A 175 4.21 0.72 6.90
C MET A 175 4.69 0.79 5.46
N LEU A 176 3.80 1.07 4.50
CA LEU A 176 4.21 1.07 3.10
C LEU A 176 5.37 2.05 2.89
N THR A 177 6.46 1.54 2.34
CA THR A 177 7.68 2.31 2.12
C THR A 177 8.01 2.50 0.66
N GLU A 178 7.88 1.44 -0.14
CA GLU A 178 8.26 1.52 -1.54
C GLU A 178 7.43 0.49 -2.30
N ALA A 179 7.05 0.83 -3.53
CA ALA A 179 6.31 -0.11 -4.35
C ALA A 179 6.56 0.19 -5.81
N ASN A 180 6.75 -0.87 -6.59
CA ASN A 180 6.88 -0.77 -8.03
C ASN A 180 6.40 -2.10 -8.61
N GLY A 181 6.59 -2.28 -9.92
CA GLY A 181 6.18 -3.51 -10.55
C GLY A 181 6.98 -4.73 -10.15
N ASP A 182 8.10 -4.56 -9.46
CA ASP A 182 8.94 -5.68 -9.04
C ASP A 182 8.68 -6.10 -7.59
N TYR A 183 8.33 -5.18 -6.72
CA TYR A 183 8.20 -5.54 -5.31
C TYR A 183 7.47 -4.44 -4.55
N ILE A 184 7.04 -4.79 -3.33
CA ILE A 184 6.49 -3.86 -2.36
C ILE A 184 7.28 -4.06 -1.06
N ILE A 185 7.71 -2.95 -0.45
CA ILE A 185 8.37 -3.00 0.86
C ILE A 185 7.48 -2.30 1.88
N ARG A 186 7.15 -3.01 2.95
CA ARG A 186 6.49 -2.45 4.12
C ARG A 186 7.48 -2.61 5.26
N ALA A 187 7.81 -1.51 5.94
CA ALA A 187 8.96 -1.57 6.84
C ALA A 187 8.96 -0.37 7.77
N LYS A 188 9.83 -0.43 8.79
CA LYS A 188 9.99 0.69 9.72
C LYS A 188 11.44 0.74 10.19
N THR A 189 12.01 1.94 10.16
CA THR A 189 13.35 2.19 10.67
C THR A 189 13.34 2.49 12.17
N GLY A 190 14.51 2.39 12.77
CA GLY A 190 14.68 2.77 14.17
C GLY A 190 16.13 3.11 14.46
N TYR A 191 16.33 3.92 15.49
CA TYR A 191 17.67 4.31 15.91
C TYR A 191 17.62 4.61 17.40
N SER A 192 18.40 3.87 18.18
CA SER A 192 18.55 4.15 19.60
C SER A 192 20.02 4.41 19.81
N PRO A 193 20.46 4.89 20.97
CA PRO A 193 21.90 5.05 21.21
C PRO A 193 22.70 3.82 20.80
N LYS A 194 23.44 3.95 19.70
CA LYS A 194 24.42 3.00 19.17
C LYS A 194 23.84 1.82 18.37
N ILE A 195 22.53 1.79 18.08
CA ILE A 195 21.93 0.70 17.30
C ILE A 195 20.93 1.28 16.31
N GLY A 196 21.06 0.91 15.03
CA GLY A 196 20.08 1.23 14.02
C GLY A 196 19.35 -0.02 13.58
N TRP A 197 18.06 0.12 13.25
CA TRP A 197 17.19 -0.99 12.85
C TRP A 197 16.54 -0.71 11.50
N TRP A 198 16.25 -1.78 10.76
CA TRP A 198 15.25 -1.74 9.70
C TRP A 198 14.53 -3.08 9.69
N VAL A 199 13.21 -3.08 9.89
CA VAL A 199 12.46 -4.32 9.95
C VAL A 199 11.24 -4.21 9.04
N GLY A 200 10.88 -5.31 8.40
CA GLY A 200 9.69 -5.31 7.58
C GLY A 200 9.64 -6.51 6.66
N TRP A 201 9.11 -6.31 5.45
CA TRP A 201 9.09 -7.41 4.51
C TRP A 201 9.02 -6.90 3.08
N VAL A 202 9.36 -7.79 2.16
CA VAL A 202 9.33 -7.54 0.72
C VAL A 202 8.31 -8.49 0.11
N GLU A 203 7.25 -7.92 -0.46
CA GLU A 203 6.23 -8.71 -1.14
C GLU A 203 6.59 -8.87 -2.61
N LEU A 204 6.64 -10.12 -3.07
CA LEU A 204 6.79 -10.46 -4.47
C LEU A 204 5.50 -11.07 -4.99
N ASP A 205 5.44 -11.37 -6.28
CA ASP A 205 4.24 -11.97 -6.84
C ASP A 205 3.87 -13.27 -6.14
N ASP A 206 4.86 -14.11 -5.83
CA ASP A 206 4.56 -15.46 -5.37
C ASP A 206 5.29 -15.82 -4.08
N ASN A 207 5.74 -14.82 -3.32
CA ASN A 207 6.45 -15.07 -2.08
C ASN A 207 6.49 -13.78 -1.29
N VAL A 208 6.80 -13.90 0.00
CA VAL A 208 7.12 -12.73 0.83
C VAL A 208 8.40 -13.06 1.60
N TRP A 209 9.32 -12.11 1.62
CA TRP A 209 10.58 -12.23 2.35
C TRP A 209 10.53 -11.25 3.52
N PHE A 210 10.48 -11.78 4.74
CA PHE A 210 10.56 -10.92 5.91
C PHE A 210 12.02 -10.60 6.20
N PHE A 211 12.26 -9.42 6.76
CA PHE A 211 13.63 -9.04 7.08
C PHE A 211 13.67 -8.27 8.39
N ALA A 212 14.78 -8.44 9.11
CA ALA A 212 15.04 -7.62 10.26
C ALA A 212 16.55 -7.43 10.31
N MET A 213 17.00 -6.18 10.35
CA MET A 213 18.41 -5.90 10.41
C MET A 213 18.66 -4.92 11.54
N ASN A 214 19.81 -5.07 12.18
CA ASN A 214 20.31 -4.00 13.04
C ASN A 214 21.82 -3.88 12.85
N MET A 215 22.35 -2.71 13.21
CA MET A 215 23.76 -2.44 13.01
C MET A 215 24.24 -1.44 14.05
N ASP A 216 25.53 -1.52 14.38
CA ASP A 216 26.13 -0.55 15.28
C ASP A 216 26.10 0.84 14.65
N MET A 217 25.73 1.84 15.44
N MET A 217 25.70 1.84 15.43
CA MET A 217 25.50 3.19 14.94
CA MET A 217 25.51 3.20 14.93
C MET A 217 26.10 4.19 15.92
C MET A 217 26.11 4.18 15.92
N PRO A 218 27.44 4.33 15.93
CA PRO A 218 28.07 5.22 16.91
C PRO A 218 27.72 6.68 16.74
N THR A 219 27.51 7.15 15.52
CA THR A 219 27.04 8.51 15.27
C THR A 219 25.81 8.45 14.37
N SER A 220 25.04 9.54 14.36
CA SER A 220 23.87 9.62 13.50
C SER A 220 24.22 9.54 12.03
N ASP A 221 25.46 9.82 11.65
CA ASP A 221 25.90 9.63 10.28
C ASP A 221 25.80 8.15 9.94
N GLY A 222 25.41 7.87 8.70
CA GLY A 222 25.27 6.49 8.26
C GLY A 222 23.94 5.84 8.55
N LEU A 223 22.91 6.62 8.93
CA LEU A 223 21.59 6.04 9.08
C LEU A 223 21.07 5.44 7.77
N GLY A 224 21.47 6.01 6.63
CA GLY A 224 21.05 5.47 5.34
C GLY A 224 21.65 4.10 5.05
N LEU A 225 22.67 3.69 5.79
CA LEU A 225 23.23 2.35 5.62
C LEU A 225 22.26 1.27 6.06
N ARG A 226 21.27 1.60 6.89
CA ARG A 226 20.29 0.59 7.30
C ARG A 226 19.59 0.00 6.08
N GLN A 227 19.04 0.87 5.22
CA GLN A 227 18.39 0.40 4.01
C GLN A 227 19.40 -0.04 2.97
N ALA A 228 20.53 0.67 2.84
CA ALA A 228 21.49 0.36 1.79
C ALA A 228 22.08 -1.04 1.97
N ILE A 229 22.51 -1.37 3.19
CA ILE A 229 23.08 -2.69 3.44
C ILE A 229 22.03 -3.76 3.26
N THR A 230 20.83 -3.54 3.79
CA THR A 230 19.75 -4.52 3.61
C THR A 230 19.50 -4.78 2.13
N LYS A 231 19.42 -3.71 1.34
CA LYS A 231 19.13 -3.89 -0.08
C LYS A 231 20.27 -4.60 -0.81
N GLU A 232 21.52 -4.44 -0.37
CA GLU A 232 22.60 -5.20 -1.00
C GLU A 232 22.42 -6.70 -0.77
N VAL A 233 21.96 -7.07 0.43
CA VAL A 233 21.66 -8.49 0.70
C VAL A 233 20.49 -8.94 -0.18
N LEU A 234 19.42 -8.16 -0.21
CA LEU A 234 18.26 -8.51 -1.04
C LEU A 234 18.65 -8.67 -2.50
N LYS A 235 19.54 -7.79 -2.99
CA LYS A 235 20.00 -7.89 -4.37
C LYS A 235 20.88 -9.12 -4.58
N GLN A 236 21.78 -9.40 -3.64
CA GLN A 236 22.63 -10.58 -3.77
C GLN A 236 21.80 -11.85 -3.83
N GLU A 237 20.72 -11.91 -3.05
CA GLU A 237 19.83 -13.07 -3.02
C GLU A 237 18.79 -13.03 -4.11
N LYS A 238 18.86 -12.07 -5.02
CA LYS A 238 17.97 -11.97 -6.18
C LYS A 238 16.51 -11.78 -5.78
N ILE A 239 16.29 -11.16 -4.61
CA ILE A 239 14.94 -10.85 -4.16
C ILE A 239 14.44 -9.57 -4.84
N ILE A 240 15.33 -8.59 -5.01
CA ILE A 240 15.01 -7.38 -5.76
C ILE A 240 16.10 -7.19 -6.82
N PRO A 241 15.80 -6.42 -7.87
CA PRO A 241 16.81 -6.22 -8.94
C PRO A 241 17.96 -5.32 -8.50
N GLY B 1 -17.78 33.82 -7.14
CA GLY B 1 -17.20 32.71 -6.41
C GLY B 1 -16.25 31.86 -7.24
N PRO B 2 -15.38 31.11 -6.56
CA PRO B 2 -14.45 30.23 -7.27
C PRO B 2 -15.20 29.12 -7.99
N LYS B 3 -14.51 28.51 -8.96
CA LYS B 3 -15.11 27.50 -9.82
C LYS B 3 -14.80 26.11 -9.30
N GLU B 4 -15.84 25.27 -9.21
CA GLU B 4 -15.60 23.89 -8.83
C GLU B 4 -14.81 23.16 -9.89
N TRP B 5 -15.09 23.46 -11.17
CA TRP B 5 -14.45 22.79 -12.29
C TRP B 5 -13.83 23.82 -13.21
N GLN B 6 -12.58 23.58 -13.61
CA GLN B 6 -11.88 24.49 -14.50
C GLN B 6 -11.25 23.69 -15.64
N GLU B 7 -11.18 24.31 -16.80
CA GLU B 7 -10.59 23.69 -17.98
C GLU B 7 -9.19 24.24 -18.17
N ASN B 8 -8.24 23.33 -18.40
CA ASN B 8 -6.85 23.69 -18.72
C ASN B 8 -6.51 22.99 -20.01
N LYS B 9 -6.65 23.71 -21.14
CA LYS B 9 -6.37 23.13 -22.44
C LYS B 9 -4.89 22.97 -22.73
N SER B 10 -4.00 23.55 -21.91
CA SER B 10 -2.57 23.39 -22.15
C SER B 10 -2.17 21.92 -22.04
N TRP B 11 -2.92 21.12 -21.28
CA TRP B 11 -2.63 19.68 -21.19
C TRP B 11 -2.80 18.98 -22.53
N ASN B 12 -3.54 19.57 -23.48
CA ASN B 12 -3.68 18.95 -24.78
C ASN B 12 -2.33 18.68 -25.42
N ALA B 13 -1.33 19.50 -25.12
CA ALA B 13 0.00 19.32 -25.70
C ALA B 13 0.56 17.94 -25.38
N HIS B 14 0.24 17.40 -24.20
CA HIS B 14 0.74 16.08 -23.84
C HIS B 14 0.09 14.99 -24.69
N PHE B 15 -1.16 15.19 -25.12
CA PHE B 15 -1.77 14.26 -26.06
C PHE B 15 -1.25 14.46 -27.48
N THR B 16 -1.10 15.73 -27.90
CA THR B 16 -0.63 16.04 -29.24
C THR B 16 0.80 15.54 -29.46
N GLU B 17 1.63 15.55 -28.41
CA GLU B 17 2.99 15.03 -28.52
C GLU B 17 3.01 13.61 -29.06
N HIS B 18 1.98 12.82 -28.77
CA HIS B 18 1.92 11.42 -29.19
C HIS B 18 0.89 11.17 -30.27
N LYS B 19 0.44 12.22 -30.95
CA LYS B 19 -0.59 12.10 -31.99
C LYS B 19 -1.83 11.41 -31.44
N SER B 20 -2.17 11.70 -30.20
CA SER B 20 -3.30 11.09 -29.54
C SER B 20 -4.30 12.15 -29.12
N GLN B 21 -5.47 11.70 -28.70
CA GLN B 21 -6.52 12.59 -28.20
C GLN B 21 -7.14 11.93 -26.97
N GLY B 22 -7.52 12.76 -26.00
CA GLY B 22 -8.13 12.19 -24.82
C GLY B 22 -8.41 13.23 -23.77
N VAL B 23 -8.70 12.75 -22.57
CA VAL B 23 -9.02 13.63 -21.46
C VAL B 23 -8.31 13.13 -20.20
N VAL B 24 -7.77 14.08 -19.44
CA VAL B 24 -7.35 13.84 -18.06
C VAL B 24 -8.25 14.69 -17.18
N VAL B 25 -8.79 14.08 -16.12
CA VAL B 25 -9.57 14.78 -15.10
C VAL B 25 -8.83 14.63 -13.79
N LEU B 26 -8.58 15.74 -13.09
CA LEU B 26 -7.95 15.72 -11.78
C LEU B 26 -8.91 16.31 -10.75
N TRP B 27 -8.89 15.76 -9.54
CA TRP B 27 -9.69 16.30 -8.45
C TRP B 27 -8.79 16.53 -7.25
N ASN B 28 -8.72 17.78 -6.79
CA ASN B 28 -7.92 18.17 -5.63
C ASN B 28 -8.83 18.04 -4.42
N GLU B 29 -8.55 17.04 -3.57
CA GLU B 29 -9.48 16.72 -2.50
C GLU B 29 -9.53 17.83 -1.46
N ASN B 30 -8.38 18.37 -1.06
CA ASN B 30 -8.37 19.43 -0.05
C ASN B 30 -9.13 20.65 -0.53
N LYS B 31 -8.95 21.05 -1.79
CA LYS B 31 -9.58 22.25 -2.30
C LYS B 31 -11.00 22.01 -2.77
N GLN B 32 -11.38 20.75 -2.98
N GLN B 32 -11.40 20.76 -2.99
CA GLN B 32 -12.66 20.39 -3.57
CA GLN B 32 -12.71 20.43 -3.56
C GLN B 32 -12.87 21.10 -4.91
C GLN B 32 -12.88 21.10 -4.93
N GLN B 33 -11.86 20.98 -5.77
CA GLN B 33 -11.87 21.56 -7.10
C GLN B 33 -11.32 20.55 -8.10
N GLY B 34 -11.92 20.55 -9.28
CA GLY B 34 -11.47 19.68 -10.36
C GLY B 34 -10.94 20.44 -11.56
N PHE B 35 -10.16 19.74 -12.37
CA PHE B 35 -9.42 20.33 -13.48
C PHE B 35 -9.38 19.32 -14.62
N THR B 36 -9.61 19.79 -15.84
CA THR B 36 -9.57 18.87 -16.99
C THR B 36 -9.22 19.65 -18.24
N ASN B 37 -8.65 18.96 -19.23
CA ASN B 37 -8.41 19.59 -20.52
C ASN B 37 -9.63 19.58 -21.43
N ASN B 38 -10.70 18.88 -21.06
CA ASN B 38 -11.81 18.71 -22.00
C ASN B 38 -13.06 18.45 -21.15
N LEU B 39 -13.80 19.52 -20.85
CA LEU B 39 -14.96 19.38 -19.98
C LEU B 39 -16.02 18.45 -20.58
N LYS B 40 -16.24 18.52 -21.89
CA LYS B 40 -17.25 17.65 -22.48
C LYS B 40 -16.85 16.18 -22.38
N ARG B 41 -15.64 15.86 -22.85
CA ARG B 41 -15.22 14.46 -22.83
C ARG B 41 -15.10 13.92 -21.42
N ALA B 42 -14.76 14.79 -20.46
CA ALA B 42 -14.71 14.37 -19.06
C ALA B 42 -16.03 13.75 -18.61
N ASN B 43 -17.15 14.17 -19.22
CA ASN B 43 -18.47 13.71 -18.82
C ASN B 43 -19.11 12.76 -19.82
N GLN B 44 -18.37 12.31 -20.84
CA GLN B 44 -18.89 11.31 -21.77
C GLN B 44 -18.60 9.93 -21.24
N ALA B 45 -19.56 9.02 -21.43
CA ALA B 45 -19.50 7.69 -20.82
C ALA B 45 -18.97 6.67 -21.82
N PHE B 46 -18.04 5.84 -21.35
CA PHE B 46 -17.41 4.80 -22.17
C PHE B 46 -17.47 3.47 -21.41
N LEU B 47 -17.23 2.39 -22.15
CA LEU B 47 -17.07 1.09 -21.51
C LEU B 47 -15.92 1.19 -20.53
N PRO B 48 -16.08 0.67 -19.30
CA PRO B 48 -15.00 0.77 -18.32
C PRO B 48 -13.87 -0.21 -18.55
N ALA B 49 -14.10 -1.28 -19.30
CA ALA B 49 -13.10 -2.34 -19.57
C ALA B 49 -12.45 -2.75 -18.25
N SER B 50 -11.13 -2.89 -18.18
CA SER B 50 -10.51 -3.48 -17.00
C SER B 50 -10.58 -2.59 -15.77
N THR B 51 -10.99 -1.30 -15.88
CA THR B 51 -11.23 -0.55 -14.66
C THR B 51 -12.40 -1.11 -13.87
N PHE B 52 -13.26 -1.90 -14.51
CA PHE B 52 -14.33 -2.56 -13.81
C PHE B 52 -13.82 -3.59 -12.81
N LYS B 53 -12.54 -3.96 -12.88
CA LYS B 53 -11.97 -4.84 -11.86
C LYS B 53 -12.04 -4.24 -10.47
N ILE B 54 -12.16 -2.92 -10.34
CA ILE B 54 -12.34 -2.30 -9.03
C ILE B 54 -13.69 -2.66 -8.43
N PRO B 55 -14.84 -2.30 -9.04
CA PRO B 55 -16.11 -2.74 -8.45
C PRO B 55 -16.29 -4.26 -8.43
N ASN B 56 -15.82 -4.98 -9.46
CA ASN B 56 -15.94 -6.43 -9.47
C ASN B 56 -15.25 -7.04 -8.24
N SER B 57 -14.03 -6.57 -7.93
CA SER B 57 -13.32 -7.04 -6.74
C SER B 57 -14.11 -6.76 -5.47
N LEU B 58 -14.64 -5.53 -5.34
CA LEU B 58 -15.39 -5.17 -4.14
C LEU B 58 -16.58 -6.09 -3.94
N ILE B 59 -17.32 -6.35 -5.02
CA ILE B 59 -18.53 -7.17 -4.93
C ILE B 59 -18.15 -8.61 -4.61
N ALA B 60 -17.13 -9.14 -5.29
CA ALA B 60 -16.72 -10.52 -5.04
C ALA B 60 -16.30 -10.71 -3.60
N LEU B 61 -15.56 -9.75 -3.03
CA LEU B 61 -15.15 -9.84 -1.64
C LEU B 61 -16.35 -9.73 -0.70
N ASP B 62 -17.25 -8.78 -0.96
CA ASP B 62 -18.33 -8.57 0.00
C ASP B 62 -19.30 -9.73 0.02
N LEU B 63 -19.45 -10.42 -1.11
CA LEU B 63 -20.32 -11.58 -1.21
C LEU B 63 -19.65 -12.87 -0.79
N GLY B 64 -18.36 -12.84 -0.48
CA GLY B 64 -17.65 -14.05 -0.10
C GLY B 64 -17.24 -14.93 -1.26
N VAL B 65 -17.41 -14.46 -2.49
CA VAL B 65 -16.91 -15.19 -3.65
C VAL B 65 -15.39 -15.29 -3.59
N VAL B 66 -14.75 -14.21 -3.14
CA VAL B 66 -13.33 -14.18 -2.81
C VAL B 66 -13.22 -14.00 -1.31
N LYS B 67 -12.53 -14.94 -0.65
CA LYS B 67 -12.46 -14.91 0.81
C LYS B 67 -11.50 -13.85 1.32
N ASP B 68 -10.35 -13.70 0.66
CA ASP B 68 -9.36 -12.68 1.02
C ASP B 68 -8.39 -12.54 -0.14
N GLU B 69 -7.40 -11.68 0.04
CA GLU B 69 -6.46 -11.36 -1.03
C GLU B 69 -5.41 -12.46 -1.26
N HIS B 70 -5.42 -13.52 -0.44
CA HIS B 70 -4.48 -14.63 -0.58
C HIS B 70 -5.09 -15.84 -1.26
N GLN B 71 -6.41 -15.92 -1.35
CA GLN B 71 -7.05 -17.08 -1.95
C GLN B 71 -6.56 -17.26 -3.37
N VAL B 72 -6.20 -18.50 -3.72
CA VAL B 72 -5.60 -18.79 -5.01
C VAL B 72 -6.69 -19.22 -5.99
N PHE B 73 -6.68 -18.60 -7.17
CA PHE B 73 -7.51 -19.00 -8.29
C PHE B 73 -6.59 -19.69 -9.28
N LYS B 74 -6.73 -21.01 -9.38
CA LYS B 74 -5.81 -21.81 -10.17
C LYS B 74 -6.03 -21.55 -11.65
N TRP B 75 -4.93 -21.55 -12.41
CA TRP B 75 -5.01 -21.45 -13.86
C TRP B 75 -5.84 -22.61 -14.39
N ASP B 76 -6.73 -22.30 -15.35
CA ASP B 76 -7.57 -23.35 -15.93
C ASP B 76 -6.84 -24.20 -16.97
N GLY B 77 -5.55 -23.95 -17.22
CA GLY B 77 -4.80 -24.73 -18.17
C GLY B 77 -4.92 -24.30 -19.61
N GLN B 78 -5.73 -23.29 -19.91
CA GLN B 78 -5.86 -22.78 -21.27
C GLN B 78 -4.77 -21.74 -21.51
N THR B 79 -3.89 -21.99 -22.47
CA THR B 79 -2.79 -21.08 -22.77
C THR B 79 -3.32 -19.87 -23.52
N ARG B 80 -3.29 -18.71 -22.88
CA ARG B 80 -3.79 -17.47 -23.48
C ARG B 80 -2.63 -16.61 -23.96
N ASP B 81 -2.98 -15.55 -24.72
CA ASP B 81 -1.97 -14.73 -25.39
C ASP B 81 -1.10 -13.97 -24.40
N ILE B 82 -1.64 -13.58 -23.26
CA ILE B 82 -0.90 -12.81 -22.27
C ILE B 82 -0.25 -13.80 -21.31
N ALA B 83 1.08 -13.90 -21.37
CA ALA B 83 1.78 -14.98 -20.68
C ALA B 83 1.53 -14.96 -19.18
N THR B 84 1.45 -13.77 -18.58
CA THR B 84 1.24 -13.68 -17.14
C THR B 84 -0.13 -14.21 -16.71
N TRP B 85 -1.06 -14.41 -17.64
CA TRP B 85 -2.34 -15.00 -17.28
C TRP B 85 -2.27 -16.52 -17.16
N ASN B 86 -1.21 -17.14 -17.67
CA ASN B 86 -1.11 -18.59 -17.72
C ASN B 86 -0.45 -19.15 -16.45
N ARG B 87 -1.02 -18.79 -15.30
CA ARG B 87 -0.48 -19.18 -14.01
C ARG B 87 -1.55 -18.96 -12.95
N ASP B 88 -1.31 -19.52 -11.76
CA ASP B 88 -2.19 -19.28 -10.63
C ASP B 88 -2.09 -17.83 -10.19
N HIS B 89 -3.19 -17.30 -9.63
CA HIS B 89 -3.24 -15.92 -9.20
C HIS B 89 -4.01 -15.80 -7.89
N ASN B 90 -3.74 -14.71 -7.17
CA ASN B 90 -4.61 -14.27 -6.10
C ASN B 90 -5.20 -12.91 -6.52
N LEU B 91 -5.95 -12.28 -5.61
CA LEU B 91 -6.58 -11.02 -5.97
C LEU B 91 -5.55 -9.95 -6.31
N ILE B 92 -4.44 -9.92 -5.56
CA ILE B 92 -3.41 -8.91 -5.79
C ILE B 92 -2.79 -9.07 -7.17
N THR B 93 -2.35 -10.29 -7.50
CA THR B 93 -1.71 -10.49 -8.78
C THR B 93 -2.72 -10.47 -9.92
N ALA B 94 -3.97 -10.88 -9.66
CA ALA B 94 -4.97 -10.80 -10.71
C ALA B 94 -5.26 -9.36 -11.10
N MET B 95 -5.23 -8.44 -10.12
N MET B 95 -5.26 -8.46 -10.12
CA MET B 95 -5.39 -7.04 -10.48
CA MET B 95 -5.37 -7.03 -10.40
C MET B 95 -4.13 -6.48 -11.13
C MET B 95 -4.13 -6.53 -11.13
N LYS B 96 -2.95 -6.88 -10.62
CA LYS B 96 -1.69 -6.37 -11.18
C LYS B 96 -1.54 -6.74 -12.65
N TYR B 97 -1.86 -7.99 -12.99
CA TYR B 97 -1.72 -8.46 -14.36
C TYR B 97 -3.03 -8.41 -15.12
N SER B 98 -4.08 -7.86 -14.52
CA SER B 98 -5.36 -7.61 -15.17
C SER B 98 -5.91 -8.89 -15.81
N VAL B 99 -6.02 -9.93 -14.98
CA VAL B 99 -6.26 -11.29 -15.45
C VAL B 99 -7.75 -11.48 -15.71
N VAL B 100 -8.15 -11.28 -16.97
CA VAL B 100 -9.59 -11.35 -17.32
C VAL B 100 -10.25 -12.66 -16.91
N PRO B 101 -9.69 -13.83 -17.21
CA PRO B 101 -10.43 -15.07 -16.91
C PRO B 101 -10.77 -15.24 -15.44
N VAL B 102 -9.92 -14.74 -14.54
CA VAL B 102 -10.20 -14.81 -13.11
C VAL B 102 -11.43 -13.97 -12.77
N TYR B 103 -11.49 -12.76 -13.32
CA TYR B 103 -12.61 -11.87 -13.03
C TYR B 103 -13.89 -12.31 -13.72
N GLN B 104 -13.79 -12.97 -14.88
CA GLN B 104 -14.99 -13.56 -15.47
C GLN B 104 -15.59 -14.61 -14.55
N GLU B 105 -14.73 -15.44 -13.92
CA GLU B 105 -15.23 -16.42 -12.97
C GLU B 105 -15.90 -15.74 -11.77
N PHE B 106 -15.29 -14.67 -11.23
CA PHE B 106 -15.95 -13.91 -10.16
C PHE B 106 -17.34 -13.48 -10.59
N ALA B 107 -17.44 -12.91 -11.79
CA ALA B 107 -18.70 -12.34 -12.25
C ALA B 107 -19.77 -13.42 -12.40
N ARG B 108 -19.40 -14.60 -12.92
CA ARG B 108 -20.36 -15.69 -13.02
C ARG B 108 -20.86 -16.12 -11.64
N GLN B 109 -19.98 -16.17 -10.65
CA GLN B 109 -20.40 -16.56 -9.30
C GLN B 109 -21.31 -15.50 -8.69
N ILE B 110 -20.97 -14.22 -8.87
CA ILE B 110 -21.82 -13.13 -8.41
C ILE B 110 -23.21 -13.25 -9.02
N GLY B 111 -23.27 -13.43 -10.33
CA GLY B 111 -24.53 -13.59 -11.03
C GLY B 111 -25.16 -12.25 -11.38
N GLU B 112 -26.12 -12.30 -12.32
CA GLU B 112 -26.69 -11.06 -12.87
C GLU B 112 -27.45 -10.26 -11.83
N ALA B 113 -28.32 -10.91 -11.07
CA ALA B 113 -29.16 -10.18 -10.10
C ALA B 113 -28.30 -9.43 -9.09
N ARG B 114 -27.31 -10.10 -8.49
CA ARG B 114 -26.51 -9.45 -7.47
C ARG B 114 -25.58 -8.40 -8.06
N MET B 115 -25.03 -8.65 -9.25
CA MET B 115 -24.18 -7.66 -9.90
C MET B 115 -24.95 -6.37 -10.17
N SER B 116 -26.16 -6.51 -10.74
CA SER B 116 -26.98 -5.34 -11.02
C SER B 116 -27.34 -4.60 -9.73
N LYS B 117 -27.74 -5.33 -8.69
CA LYS B 117 -28.11 -4.68 -7.44
C LYS B 117 -26.93 -3.93 -6.85
N MET B 118 -25.73 -4.51 -6.95
CA MET B 118 -24.58 -3.87 -6.32
C MET B 118 -24.13 -2.64 -7.10
N LEU B 119 -24.21 -2.69 -8.44
CA LEU B 119 -23.85 -1.49 -9.20
C LEU B 119 -24.86 -0.37 -8.96
N HIS B 120 -26.13 -0.70 -8.80
CA HIS B 120 -27.12 0.29 -8.37
C HIS B 120 -26.75 0.88 -7.03
N ALA B 121 -26.36 0.03 -6.07
CA ALA B 121 -26.00 0.52 -4.74
C ALA B 121 -24.76 1.40 -4.78
N PHE B 122 -23.84 1.11 -5.72
CA PHE B 122 -22.62 1.90 -5.89
C PHE B 122 -22.85 3.18 -6.69
N ASP B 123 -24.03 3.40 -7.26
CA ASP B 123 -24.25 4.50 -8.20
C ASP B 123 -23.21 4.49 -9.32
N TYR B 124 -22.90 3.30 -9.83
CA TYR B 124 -21.75 3.12 -10.73
C TYR B 124 -22.15 3.37 -12.18
N GLY B 125 -21.72 4.50 -12.73
CA GLY B 125 -22.00 4.77 -14.14
C GLY B 125 -23.48 4.71 -14.45
N ASN B 126 -23.81 4.09 -15.59
CA ASN B 126 -25.22 4.00 -15.94
C ASN B 126 -25.91 2.80 -15.30
N GLU B 127 -25.19 2.03 -14.47
CA GLU B 127 -25.74 0.94 -13.66
C GLU B 127 -26.32 -0.20 -14.51
N ASP B 128 -25.93 -0.29 -15.78
CA ASP B 128 -26.59 -1.17 -16.74
C ASP B 128 -25.66 -2.32 -17.07
N ILE B 129 -26.05 -3.54 -16.71
CA ILE B 129 -25.22 -4.71 -16.95
C ILE B 129 -25.63 -5.48 -18.20
N SER B 130 -26.43 -4.86 -19.08
N SER B 130 -26.44 -4.87 -19.08
CA SER B 130 -26.93 -5.58 -20.26
CA SER B 130 -26.92 -5.55 -20.28
C SER B 130 -25.79 -6.17 -21.06
C SER B 130 -25.76 -6.20 -21.02
N GLY B 131 -25.99 -7.41 -21.50
CA GLY B 131 -24.94 -8.20 -22.12
C GLY B 131 -24.63 -9.43 -21.31
N ASN B 132 -23.42 -9.96 -21.48
CA ASN B 132 -23.05 -11.19 -20.80
C ASN B 132 -22.60 -10.87 -19.38
N VAL B 133 -23.02 -11.69 -18.42
CA VAL B 133 -22.67 -11.39 -17.02
C VAL B 133 -21.16 -11.38 -16.84
N ASP B 134 -20.42 -12.11 -17.69
CA ASP B 134 -18.98 -12.19 -17.58
C ASP B 134 -18.23 -11.38 -18.65
N SER B 135 -18.91 -10.45 -19.35
CA SER B 135 -18.17 -9.60 -20.27
C SER B 135 -18.81 -8.23 -20.50
N PHE B 136 -19.87 -7.87 -19.76
CA PHE B 136 -20.60 -6.66 -20.10
C PHE B 136 -19.75 -5.41 -19.98
N TRP B 137 -18.71 -5.44 -19.14
CA TRP B 137 -17.81 -4.29 -19.01
C TRP B 137 -16.83 -4.18 -20.16
N LEU B 138 -16.72 -5.20 -21.02
CA LEU B 138 -15.89 -5.14 -22.20
C LEU B 138 -16.67 -5.02 -23.50
N ASP B 139 -17.90 -5.57 -23.55
CA ASP B 139 -18.65 -5.53 -24.80
C ASP B 139 -20.16 -5.43 -24.56
N GLY B 140 -20.59 -5.00 -23.38
CA GLY B 140 -22.01 -4.89 -23.09
C GLY B 140 -22.48 -3.46 -22.90
N GLY B 141 -23.47 -3.25 -22.05
CA GLY B 141 -24.17 -1.99 -21.96
C GLY B 141 -23.68 -1.03 -20.90
N ILE B 142 -22.73 -1.41 -20.06
CA ILE B 142 -22.31 -0.53 -18.98
C ILE B 142 -21.45 0.60 -19.51
N ARG B 143 -21.64 1.79 -18.96
CA ARG B 143 -20.92 2.98 -19.38
C ARG B 143 -20.62 3.84 -18.18
N ILE B 144 -19.43 4.44 -18.15
CA ILE B 144 -19.05 5.35 -17.06
C ILE B 144 -18.17 6.45 -17.63
N SER B 145 -18.35 7.67 -17.12
CA SER B 145 -17.51 8.79 -17.54
C SER B 145 -16.31 8.94 -16.61
N ALA B 146 -15.34 9.76 -17.04
CA ALA B 146 -14.19 10.02 -16.18
C ALA B 146 -14.59 10.71 -14.89
N THR B 147 -15.52 11.66 -14.95
CA THR B 147 -15.96 12.31 -13.71
C THR B 147 -16.68 11.33 -12.80
N GLU B 148 -17.47 10.41 -13.40
CA GLU B 148 -18.12 9.36 -12.60
C GLU B 148 -17.10 8.39 -12.01
N GLN B 149 -16.00 8.10 -12.72
CA GLN B 149 -14.93 7.31 -12.12
C GLN B 149 -14.38 8.00 -10.89
N ILE B 150 -14.14 9.31 -10.97
CA ILE B 150 -13.63 10.04 -9.82
C ILE B 150 -14.60 9.98 -8.66
N SER B 151 -15.90 10.19 -8.94
N SER B 151 -15.91 10.16 -8.93
CA SER B 151 -16.91 10.11 -7.88
CA SER B 151 -16.88 10.12 -7.85
C SER B 151 -16.85 8.75 -7.18
C SER B 151 -16.92 8.75 -7.18
N PHE B 152 -16.80 7.68 -7.98
CA PHE B 152 -16.76 6.33 -7.43
C PHE B 152 -15.48 6.13 -6.61
N LEU B 153 -14.34 6.57 -7.14
CA LEU B 153 -13.06 6.41 -6.44
C LEU B 153 -13.03 7.22 -5.14
N ARG B 154 -13.63 8.40 -5.14
CA ARG B 154 -13.69 9.18 -3.89
C ARG B 154 -14.47 8.43 -2.82
N LYS B 155 -15.60 7.82 -3.19
CA LYS B 155 -16.34 7.01 -2.22
C LYS B 155 -15.49 5.87 -1.71
N LEU B 156 -14.77 5.18 -2.61
CA LEU B 156 -13.89 4.09 -2.19
C LEU B 156 -12.83 4.60 -1.22
N TYR B 157 -12.19 5.71 -1.56
CA TYR B 157 -11.15 6.27 -0.69
C TYR B 157 -11.68 6.52 0.71
N HIS B 158 -12.89 7.06 0.82
CA HIS B 158 -13.49 7.42 2.10
C HIS B 158 -14.30 6.29 2.73
N ASN B 159 -14.22 5.07 2.18
CA ASN B 159 -14.93 3.90 2.69
C ASN B 159 -16.45 4.09 2.68
N LYS B 160 -16.94 4.84 1.69
CA LYS B 160 -18.34 5.21 1.65
C LYS B 160 -19.18 4.33 0.74
N LEU B 161 -18.56 3.42 -0.01
CA LEU B 161 -19.35 2.54 -0.85
C LEU B 161 -20.14 1.54 0.00
N HIS B 162 -21.21 1.00 -0.60
CA HIS B 162 -22.15 0.12 0.06
C HIS B 162 -21.64 -1.32 0.11
N VAL B 163 -20.42 -1.48 0.59
CA VAL B 163 -19.82 -2.76 0.92
C VAL B 163 -19.06 -2.53 2.21
N SER B 164 -18.58 -3.61 2.81
CA SER B 164 -17.91 -3.47 4.10
C SER B 164 -16.64 -2.63 3.96
N GLU B 165 -16.23 -2.03 5.08
CA GLU B 165 -14.96 -1.33 5.09
C GLU B 165 -13.82 -2.28 4.73
N ARG B 166 -13.89 -3.52 5.22
CA ARG B 166 -12.85 -4.49 4.93
C ARG B 166 -12.70 -4.70 3.43
N SER B 167 -13.83 -4.90 2.72
CA SER B 167 -13.72 -5.09 1.28
C SER B 167 -13.07 -3.89 0.61
N GLN B 168 -13.40 -2.68 1.07
CA GLN B 168 -12.82 -1.49 0.48
C GLN B 168 -11.32 -1.40 0.75
N ARG B 169 -10.89 -1.72 1.97
CA ARG B 169 -9.46 -1.68 2.28
C ARG B 169 -8.69 -2.71 1.46
N ILE B 170 -9.26 -3.91 1.27
CA ILE B 170 -8.55 -4.92 0.49
C ILE B 170 -8.37 -4.46 -0.95
N VAL B 171 -9.43 -3.89 -1.53
CA VAL B 171 -9.31 -3.45 -2.93
C VAL B 171 -8.32 -2.29 -3.06
N LYS B 172 -8.31 -1.37 -2.08
CA LYS B 172 -7.36 -0.27 -2.15
C LYS B 172 -5.93 -0.77 -2.03
N GLN B 173 -5.71 -1.82 -1.25
CA GLN B 173 -4.41 -2.48 -1.23
C GLN B 173 -4.09 -3.08 -2.60
N ALA B 174 -5.06 -3.80 -3.19
CA ALA B 174 -4.82 -4.44 -4.49
C ALA B 174 -4.55 -3.41 -5.59
N MET B 175 -5.05 -2.17 -5.45
CA MET B 175 -4.81 -1.13 -6.43
C MET B 175 -3.43 -0.50 -6.34
N LEU B 176 -2.64 -0.84 -5.32
CA LEU B 176 -1.34 -0.21 -5.15
C LEU B 176 -0.50 -0.42 -6.41
N THR B 177 -0.03 0.69 -6.98
CA THR B 177 0.74 0.68 -8.21
C THR B 177 2.17 1.15 -8.02
N GLU B 178 2.39 2.23 -7.26
CA GLU B 178 3.73 2.77 -7.10
C GLU B 178 3.77 3.49 -5.76
N ALA B 179 4.91 3.41 -5.08
CA ALA B 179 5.07 4.16 -3.84
C ALA B 179 6.54 4.49 -3.64
N ASN B 180 6.79 5.71 -3.18
CA ASN B 180 8.12 6.16 -2.82
C ASN B 180 7.95 7.25 -1.77
N GLY B 181 9.04 7.92 -1.42
CA GLY B 181 8.97 8.96 -0.41
C GLY B 181 8.20 10.20 -0.83
N ASP B 182 7.86 10.34 -2.10
CA ASP B 182 7.15 11.50 -2.60
C ASP B 182 5.65 11.28 -2.75
N TYR B 183 5.22 10.07 -3.11
CA TYR B 183 3.81 9.86 -3.38
C TYR B 183 3.50 8.38 -3.38
N ILE B 184 2.20 8.07 -3.32
CA ILE B 184 1.67 6.73 -3.50
C ILE B 184 0.61 6.82 -4.59
N ILE B 185 0.65 5.91 -5.55
CA ILE B 185 -0.39 5.82 -6.57
C ILE B 185 -1.15 4.51 -6.38
N ARG B 186 -2.46 4.61 -6.30
CA ARG B 186 -3.36 3.47 -6.34
C ARG B 186 -4.23 3.67 -7.57
N ALA B 187 -4.26 2.68 -8.46
CA ALA B 187 -4.89 2.94 -9.76
C ALA B 187 -5.17 1.63 -10.46
N LYS B 188 -5.92 1.72 -11.57
CA LYS B 188 -6.16 0.56 -12.42
C LYS B 188 -6.27 1.03 -13.87
N THR B 189 -5.59 0.31 -14.77
CA THR B 189 -5.66 0.56 -16.21
C THR B 189 -6.85 -0.18 -16.84
N GLY B 190 -7.23 0.26 -18.03
CA GLY B 190 -8.17 -0.53 -18.83
C GLY B 190 -8.01 -0.24 -20.30
N TYR B 191 -8.49 -1.16 -21.12
CA TYR B 191 -8.47 -0.99 -22.57
C TYR B 191 -9.62 -1.76 -23.17
N SER B 192 -10.52 -1.07 -23.85
CA SER B 192 -11.48 -1.70 -24.73
C SER B 192 -11.26 -1.14 -26.13
N PRO B 193 -11.71 -1.81 -27.19
CA PRO B 193 -11.54 -1.24 -28.53
C PRO B 193 -12.03 0.18 -28.58
N LYS B 194 -11.12 1.09 -28.95
CA LYS B 194 -11.28 2.53 -29.09
C LYS B 194 -10.59 3.29 -27.95
N ILE B 195 -10.71 2.81 -26.71
CA ILE B 195 -10.50 3.65 -25.52
C ILE B 195 -9.58 2.98 -24.52
N GLY B 196 -8.54 3.70 -24.09
CA GLY B 196 -7.70 3.28 -22.98
C GLY B 196 -7.99 4.14 -21.77
N TRP B 197 -7.88 3.55 -20.58
CA TRP B 197 -8.18 4.24 -19.33
C TRP B 197 -7.01 4.13 -18.35
N TRP B 198 -6.88 5.13 -17.48
CA TRP B 198 -6.14 4.97 -16.23
C TRP B 198 -6.88 5.78 -15.19
N VAL B 199 -7.31 5.15 -14.10
CA VAL B 199 -8.08 5.83 -13.05
C VAL B 199 -7.49 5.48 -11.70
N GLY B 200 -7.53 6.45 -10.79
CA GLY B 200 -7.00 6.17 -9.45
C GLY B 200 -6.74 7.46 -8.69
N TRP B 201 -5.70 7.43 -7.86
CA TRP B 201 -5.38 8.66 -7.13
C TRP B 201 -3.93 8.65 -6.70
N VAL B 202 -3.45 9.86 -6.37
CA VAL B 202 -2.08 10.08 -5.91
C VAL B 202 -2.17 10.61 -4.48
N GLU B 203 -1.63 9.86 -3.53
CA GLU B 203 -1.61 10.28 -2.13
C GLU B 203 -0.33 11.04 -1.84
N LEU B 204 -0.48 12.24 -1.29
CA LEU B 204 0.62 13.07 -0.83
C LEU B 204 0.53 13.16 0.70
N ASP B 205 1.54 13.79 1.31
CA ASP B 205 1.53 13.93 2.76
C ASP B 205 0.27 14.63 3.27
N ASP B 206 -0.20 15.65 2.55
CA ASP B 206 -1.24 16.52 3.09
C ASP B 206 -2.40 16.71 2.13
N ASN B 207 -2.52 15.85 1.12
CA ASN B 207 -3.59 15.98 0.15
C ASN B 207 -3.66 14.68 -0.65
N VAL B 208 -4.77 14.49 -1.34
CA VAL B 208 -4.92 13.41 -2.32
C VAL B 208 -5.48 14.03 -3.60
N TRP B 209 -4.90 13.62 -4.74
CA TRP B 209 -5.38 14.04 -6.06
C TRP B 209 -5.96 12.82 -6.75
N PHE B 210 -7.26 12.85 -7.02
CA PHE B 210 -7.86 11.78 -7.79
C PHE B 210 -7.68 12.06 -9.27
N PHE B 211 -7.55 10.99 -10.06
CA PHE B 211 -7.42 11.20 -11.49
C PHE B 211 -8.23 10.16 -12.24
N ALA B 212 -8.72 10.56 -13.41
CA ALA B 212 -9.33 9.62 -14.34
C ALA B 212 -8.99 10.12 -15.73
N MET B 213 -8.36 9.27 -16.54
CA MET B 213 -8.02 9.65 -17.90
C MET B 213 -8.52 8.57 -18.85
N ASN B 214 -9.00 9.00 -20.01
CA ASN B 214 -9.17 8.07 -21.11
C ASN B 214 -8.66 8.69 -22.40
N MET B 215 -8.30 7.84 -23.35
CA MET B 215 -7.72 8.34 -24.58
C MET B 215 -8.08 7.38 -25.70
N ASP B 216 -8.14 7.92 -26.91
CA ASP B 216 -8.35 7.09 -28.08
C ASP B 216 -7.17 6.14 -28.22
N MET B 217 -7.47 4.85 -28.35
CA MET B 217 -6.46 3.79 -28.30
C MET B 217 -6.71 2.86 -29.48
N PRO B 218 -6.28 3.26 -30.67
CA PRO B 218 -6.51 2.40 -31.84
C PRO B 218 -5.74 1.10 -31.76
N THR B 219 -4.58 1.09 -31.13
CA THR B 219 -3.71 -0.07 -31.09
C THR B 219 -3.25 -0.33 -29.67
N SER B 220 -3.00 -1.60 -29.36
CA SER B 220 -2.43 -1.94 -28.05
C SER B 220 -1.01 -1.40 -27.89
N ASP B 221 -0.32 -1.12 -29.00
CA ASP B 221 0.91 -0.35 -28.91
C ASP B 221 0.60 1.01 -28.30
N GLY B 222 1.54 1.52 -27.52
CA GLY B 222 1.26 2.77 -26.85
C GLY B 222 0.26 2.68 -25.72
N LEU B 223 0.00 1.49 -25.19
CA LEU B 223 -0.76 1.40 -23.94
C LEU B 223 -0.06 2.14 -22.81
N GLY B 224 1.28 2.19 -22.85
CA GLY B 224 2.05 2.92 -21.86
C GLY B 224 1.86 4.43 -21.90
N LEU B 225 1.25 4.95 -22.97
CA LEU B 225 0.89 6.35 -23.02
C LEU B 225 -0.15 6.72 -21.97
N ARG B 226 -0.95 5.74 -21.51
CA ARG B 226 -1.95 6.04 -20.50
C ARG B 226 -1.30 6.60 -19.25
N GLN B 227 -0.30 5.90 -18.71
CA GLN B 227 0.42 6.40 -17.54
C GLN B 227 1.33 7.57 -17.90
N ALA B 228 1.99 7.50 -19.06
CA ALA B 228 2.96 8.53 -19.43
C ALA B 228 2.30 9.90 -19.56
N ILE B 229 1.16 9.96 -20.27
CA ILE B 229 0.48 11.24 -20.47
C ILE B 229 -0.04 11.76 -19.15
N THR B 230 -0.65 10.88 -18.34
CA THR B 230 -1.15 11.29 -17.04
C THR B 230 -0.03 11.84 -16.17
N LYS B 231 1.11 11.17 -16.15
CA LYS B 231 2.23 11.64 -15.35
C LYS B 231 2.77 12.98 -15.84
N GLU B 232 2.72 13.24 -17.15
CA GLU B 232 3.14 14.55 -17.64
C GLU B 232 2.22 15.64 -17.11
N VAL B 233 0.91 15.36 -17.02
CA VAL B 233 -0.01 16.31 -16.43
C VAL B 233 0.30 16.48 -14.95
N LEU B 234 0.47 15.38 -14.22
CA LEU B 234 0.80 15.47 -12.80
C LEU B 234 2.09 16.25 -12.58
N LYS B 235 3.09 16.05 -13.44
CA LYS B 235 4.33 16.81 -13.30
C LYS B 235 4.12 18.28 -13.61
N GLN B 236 3.34 18.58 -14.66
CA GLN B 236 3.07 19.98 -14.99
C GLN B 236 2.43 20.70 -13.81
N GLU B 237 1.50 20.03 -13.13
CA GLU B 237 0.80 20.62 -12.00
C GLU B 237 1.56 20.48 -10.69
N LYS B 238 2.81 20.02 -10.75
CA LYS B 238 3.69 19.90 -9.59
C LYS B 238 3.10 19.01 -8.50
N ILE B 239 2.33 18.00 -8.90
CA ILE B 239 1.81 17.00 -7.97
C ILE B 239 2.86 15.93 -7.69
N ILE B 240 3.59 15.53 -8.71
CA ILE B 240 4.73 14.63 -8.55
C ILE B 240 5.96 15.32 -9.14
N PRO B 241 7.18 14.99 -8.69
CA PRO B 241 8.42 15.62 -9.19
C PRO B 241 8.73 15.21 -10.64
#